data_8H9B
#
_entry.id   8H9B
#
_cell.length_a   92.630
_cell.length_b   92.630
_cell.length_c   121.070
_cell.angle_alpha   90.000
_cell.angle_beta   90.000
_cell.angle_gamma   120.000
#
_symmetry.space_group_name_H-M   'P 32 2 1'
#
loop_
_entity.id
_entity.type
_entity.pdbx_description
1 polymer 'Threonine--tRNA ligase'
2 non-polymer N-(2,3-dihydroxybenzoyl)-4-(4-nitrophenyl)-L-threonine
3 non-polymer 'ZINC ION'
4 water water
#
_entity_poly.entity_id   1
_entity_poly.type   'polypeptide(L)'
_entity_poly.pdbx_seq_one_letter_code
;MRDHRKIGKQLDLYHMQEEAPGMVFWHNDGWTIFRELEVFVRSKLKEYQYQEVKGPFMMDRVLWEKTGHWDNYKDAMFTT
SSENREYCIKPMNCPGHVQIFNQGLKSYRDLPLRMAEFGSCHRNEPSGSLHGLMRVRGFTQDDAHIFCTEEQIRDEVNGC
IRLVYDMYSTFGFEKIVVKLSTRPEKRIGSDEMWDRAEADLAVALEENNIPFEYQLGEGAFKGPKIEFTLYDCLDRAWQC
GTVQLDFSLPSRLSASYVGEDNERKVPVMIHRAILGSMERFIGILTEEFAGFFPTWLAPVQVVIMNITDSQSEYVNELTQ
KLSNAGIRVKADLRNEKIGFKIREHTLRRVPYMLVCGDKEVESGKVAVRTRRGKDLGSMDVNEVIEKLQQEIRSRSLKQL
EELEHHHHHH
;
_entity_poly.pdbx_strand_id   A
#
loop_
_chem_comp.id
_chem_comp.type
_chem_comp.name
_chem_comp.formula
ZN non-polymer 'ZINC ION' 'Zn 2'
#
# COMPACT_ATOMS: atom_id res chain seq x y z
N ARG A 2 1.09 -19.44 10.67
CA ARG A 2 1.34 -18.22 9.87
C ARG A 2 1.01 -18.33 8.38
N ASP A 3 -0.25 -18.58 8.05
CA ASP A 3 -0.71 -18.71 6.67
C ASP A 3 -1.78 -17.64 6.42
N HIS A 4 -1.49 -16.69 5.54
CA HIS A 4 -2.40 -15.55 5.40
C HIS A 4 -3.76 -15.98 4.86
N ARG A 5 -3.83 -17.09 4.11
CA ARG A 5 -5.14 -17.53 3.65
C ARG A 5 -5.97 -18.12 4.79
N LYS A 6 -5.34 -18.86 5.72
CA LYS A 6 -6.08 -19.40 6.86
C LYS A 6 -6.50 -18.30 7.82
N ILE A 7 -5.57 -17.42 8.19
CA ILE A 7 -5.89 -16.30 9.07
C ILE A 7 -6.95 -15.43 8.42
N GLY A 8 -6.87 -15.27 7.09
CA GLY A 8 -7.86 -14.46 6.40
C GLY A 8 -9.26 -15.00 6.57
N LYS A 9 -9.42 -16.33 6.42
CA LYS A 9 -10.72 -16.91 6.72
C LYS A 9 -11.05 -16.76 8.21
N GLN A 10 -10.06 -16.95 9.08
CA GLN A 10 -10.33 -16.93 10.52
C GLN A 10 -10.83 -15.56 10.98
N LEU A 11 -10.25 -14.48 10.46
CA LEU A 11 -10.63 -13.13 10.86
C LEU A 11 -11.58 -12.46 9.89
N ASP A 12 -12.17 -13.23 8.98
CA ASP A 12 -13.23 -12.71 8.11
C ASP A 12 -12.72 -11.49 7.33
N LEU A 13 -11.49 -11.59 6.80
CA LEU A 13 -10.89 -10.47 6.08
C LEU A 13 -11.37 -10.39 4.62
N TYR A 14 -11.44 -11.52 3.94
CA TYR A 14 -11.74 -11.54 2.51
C TYR A 14 -12.08 -12.98 2.13
N HIS A 15 -12.45 -13.17 0.87
CA HIS A 15 -12.60 -14.51 0.32
C HIS A 15 -12.44 -14.43 -1.19
N MET A 16 -12.31 -15.59 -1.80
CA MET A 16 -12.29 -15.71 -3.25
C MET A 16 -13.16 -16.90 -3.66
N GLN A 17 -13.60 -16.90 -4.91
CA GLN A 17 -14.36 -18.04 -5.40
C GLN A 17 -14.06 -18.27 -6.87
N GLU A 18 -14.35 -19.50 -7.32
CA GLU A 18 -13.97 -19.87 -8.67
C GLU A 18 -14.68 -19.00 -9.72
N GLU A 19 -15.74 -18.30 -9.33
CA GLU A 19 -16.45 -17.43 -10.26
C GLU A 19 -15.60 -16.24 -10.70
N ALA A 20 -14.65 -15.79 -9.86
CA ALA A 20 -13.81 -14.63 -10.18
C ALA A 20 -12.36 -14.93 -9.84
N PRO A 21 -11.73 -15.85 -10.58
CA PRO A 21 -10.43 -16.38 -10.13
C PRO A 21 -9.39 -15.28 -10.09
N GLY A 22 -8.64 -15.23 -8.99
CA GLY A 22 -7.63 -14.22 -8.82
C GLY A 22 -8.15 -12.84 -8.50
N MET A 23 -9.34 -12.74 -7.92
CA MET A 23 -9.94 -11.44 -7.63
C MET A 23 -10.56 -11.44 -6.25
N VAL A 24 -10.23 -10.43 -5.46
CA VAL A 24 -10.47 -10.47 -4.02
C VAL A 24 -11.84 -9.90 -3.69
N PHE A 25 -12.63 -10.65 -2.90
CA PHE A 25 -13.85 -10.12 -2.27
C PHE A 25 -13.44 -9.57 -0.91
N TRP A 26 -13.40 -8.26 -0.77
CA TRP A 26 -12.91 -7.68 0.48
C TRP A 26 -14.07 -7.52 1.45
N HIS A 27 -14.11 -8.37 2.48
CA HIS A 27 -15.12 -8.22 3.53
C HIS A 27 -14.84 -6.98 4.36
N ASN A 28 -15.80 -6.65 5.23
CA ASN A 28 -15.72 -5.39 5.97
C ASN A 28 -14.38 -5.27 6.68
N ASP A 29 -13.96 -6.32 7.35
CA ASP A 29 -12.79 -6.19 8.20
C ASP A 29 -11.49 -6.17 7.39
N GLY A 30 -11.45 -6.95 6.30
CA GLY A 30 -10.32 -6.85 5.39
C GLY A 30 -10.26 -5.51 4.68
N TRP A 31 -11.43 -4.96 4.32
CA TRP A 31 -11.46 -3.63 3.72
C TRP A 31 -11.03 -2.56 4.71
N THR A 32 -11.35 -2.73 5.99
CA THR A 32 -10.85 -1.78 6.98
C THR A 32 -9.33 -1.75 6.97
N ILE A 33 -8.67 -2.91 6.91
CA ILE A 33 -7.20 -2.88 6.85
C ILE A 33 -6.75 -2.15 5.60
N PHE A 34 -7.32 -2.52 4.44
CA PHE A 34 -6.92 -1.94 3.16
C PHE A 34 -7.05 -0.42 3.17
N ARG A 35 -8.16 0.10 3.69
CA ARG A 35 -8.37 1.55 3.72
C ARG A 35 -7.43 2.25 4.70
N GLU A 36 -7.04 1.55 5.77
CA GLU A 36 -6.09 2.13 6.70
C GLU A 36 -4.69 2.18 6.11
N LEU A 37 -4.39 1.29 5.15
CA LEU A 37 -3.17 1.44 4.35
C LEU A 37 -3.24 2.66 3.43
N GLU A 38 -4.40 2.87 2.77
CA GLU A 38 -4.54 4.04 1.90
C GLU A 38 -4.28 5.32 2.67
N VAL A 39 -4.92 5.49 3.84
CA VAL A 39 -4.67 6.67 4.66
C VAL A 39 -3.19 6.85 4.96
N PHE A 40 -2.48 5.75 5.27
CA PHE A 40 -1.06 5.83 5.56
C PHE A 40 -0.27 6.29 4.34
N VAL A 41 -0.50 5.65 3.19
CA VAL A 41 0.12 6.10 1.95
C VAL A 41 -0.19 7.58 1.70
N ARG A 42 -1.45 7.97 1.86
CA ARG A 42 -1.80 9.37 1.58
C ARG A 42 -1.02 10.31 2.49
N SER A 43 -0.87 9.95 3.76
CA SER A 43 -0.12 10.80 4.67
C SER A 43 1.32 11.01 4.23
N LYS A 44 1.92 10.02 3.55
CA LYS A 44 3.26 10.24 3.00
C LYS A 44 3.19 10.94 1.65
N LEU A 45 2.13 10.74 0.87
CA LEU A 45 1.94 11.54 -0.33
C LEU A 45 1.97 13.02 0.01
N LYS A 46 1.23 13.41 1.06
CA LYS A 46 1.20 14.80 1.49
C LYS A 46 2.59 15.29 1.84
N GLU A 47 3.33 14.48 2.59
CA GLU A 47 4.65 14.89 3.07
C GLU A 47 5.60 15.16 1.91
N TYR A 48 5.63 14.28 0.90
CA TYR A 48 6.52 14.39 -0.25
C TYR A 48 5.84 15.02 -1.47
N GLN A 49 4.67 15.67 -1.27
CA GLN A 49 3.98 16.50 -2.26
C GLN A 49 3.70 15.78 -3.58
N TYR A 50 2.87 14.75 -3.48
CA TYR A 50 2.37 14.07 -4.67
C TYR A 50 0.97 14.58 -4.99
N GLN A 51 0.63 14.58 -6.27
CA GLN A 51 -0.77 14.63 -6.60
C GLN A 51 -1.37 13.25 -6.42
N GLU A 52 -2.68 13.20 -6.29
CA GLU A 52 -3.39 11.92 -6.38
C GLU A 52 -4.47 12.05 -7.42
N VAL A 53 -4.49 11.11 -8.36
CA VAL A 53 -5.43 11.12 -9.47
C VAL A 53 -6.10 9.76 -9.55
N LYS A 54 -7.06 9.67 -10.47
CA LYS A 54 -7.76 8.42 -10.75
C LYS A 54 -8.00 8.38 -12.25
N GLY A 55 -7.50 7.36 -12.92
CA GLY A 55 -7.63 7.26 -14.35
C GLY A 55 -8.70 6.26 -14.71
N PRO A 56 -9.09 6.25 -15.98
CA PRO A 56 -10.13 5.33 -16.44
C PRO A 56 -9.67 3.89 -16.43
N PHE A 57 -10.63 2.98 -16.30
CA PHE A 57 -10.33 1.57 -16.10
C PHE A 57 -10.12 0.81 -17.40
N MET A 58 -10.42 1.41 -18.55
CA MET A 58 -10.03 0.84 -19.83
C MET A 58 -9.76 1.97 -20.81
N MET A 59 -8.94 1.67 -21.82
CA MET A 59 -8.62 2.69 -22.81
C MET A 59 -8.48 1.99 -24.15
N ASP A 60 -8.63 2.76 -25.22
CA ASP A 60 -8.53 2.26 -26.59
C ASP A 60 -7.29 1.37 -26.79
N ARG A 61 -7.48 0.29 -27.55
CA ARG A 61 -6.35 -0.58 -27.91
C ARG A 61 -5.29 0.17 -28.68
N VAL A 62 -5.70 1.08 -29.58
CA VAL A 62 -4.78 1.84 -30.41
C VAL A 62 -3.82 2.66 -29.54
N LEU A 63 -4.29 3.13 -28.39
CA LEU A 63 -3.39 3.81 -27.46
C LEU A 63 -2.35 2.83 -26.91
N TRP A 64 -2.81 1.67 -26.46
CA TRP A 64 -1.90 0.68 -25.90
C TRP A 64 -0.88 0.23 -26.95
N GLU A 65 -1.30 0.16 -28.21
CA GLU A 65 -0.34 -0.13 -29.25
C GLU A 65 0.72 0.96 -29.37
N LYS A 66 0.39 2.21 -29.03
CA LYS A 66 1.37 3.29 -29.13
C LYS A 66 2.38 3.30 -28.00
N THR A 67 2.08 2.64 -26.88
CA THR A 67 3.08 2.51 -25.81
C THR A 67 4.19 1.53 -26.18
N GLY A 68 3.89 0.55 -27.02
CA GLY A 68 4.83 -0.52 -27.29
C GLY A 68 4.68 -1.70 -26.37
N HIS A 69 3.85 -1.58 -25.34
CA HIS A 69 3.55 -2.69 -24.45
C HIS A 69 2.65 -3.72 -25.10
N TRP A 70 1.86 -3.31 -26.11
CA TRP A 70 0.96 -4.25 -26.77
C TRP A 70 1.73 -5.44 -27.33
N ASP A 71 2.80 -5.17 -28.06
CA ASP A 71 3.56 -6.24 -28.69
C ASP A 71 4.13 -7.19 -27.63
N ASN A 72 4.83 -6.64 -26.64
CA ASN A 72 5.52 -7.45 -25.64
C ASN A 72 4.53 -8.23 -24.78
N TYR A 73 3.43 -7.59 -24.35
CA TYR A 73 2.60 -8.13 -23.29
C TYR A 73 1.12 -8.27 -23.64
N LYS A 74 0.73 -8.37 -24.93
CA LYS A 74 -0.70 -8.41 -25.22
C LYS A 74 -1.38 -9.61 -24.60
N ASP A 75 -0.65 -10.69 -24.34
CA ASP A 75 -1.26 -11.89 -23.80
C ASP A 75 -1.73 -11.70 -22.36
N ALA A 76 -1.21 -10.69 -21.66
CA ALA A 76 -1.55 -10.48 -20.26
C ALA A 76 -2.70 -9.51 -20.06
N MET A 77 -3.18 -8.84 -21.12
CA MET A 77 -4.21 -7.81 -20.99
C MET A 77 -5.58 -8.40 -21.35
N PHE A 78 -6.56 -8.20 -20.47
CA PHE A 78 -7.94 -8.48 -20.82
C PHE A 78 -8.42 -7.50 -21.89
N THR A 79 -9.24 -8.00 -22.81
CA THR A 79 -9.75 -7.15 -23.87
C THR A 79 -11.25 -7.31 -23.97
N THR A 80 -11.91 -6.19 -24.30
CA THR A 80 -13.33 -6.10 -24.55
C THR A 80 -13.57 -5.05 -25.61
N SER A 81 -14.74 -5.08 -26.22
CA SER A 81 -15.03 -4.11 -27.26
C SER A 81 -16.43 -3.54 -27.09
N SER A 82 -16.69 -2.47 -27.84
CA SER A 82 -18.00 -1.83 -27.91
C SER A 82 -18.05 -1.01 -29.18
N GLU A 83 -19.09 -1.22 -29.97
CA GLU A 83 -19.28 -0.46 -31.21
C GLU A 83 -18.06 -0.60 -32.13
N ASN A 84 -17.57 -1.83 -32.27
CA ASN A 84 -16.50 -2.18 -33.21
C ASN A 84 -15.22 -1.41 -32.91
N ARG A 85 -14.95 -1.25 -31.63
CA ARG A 85 -13.74 -0.64 -31.12
C ARG A 85 -13.22 -1.52 -30.00
N GLU A 86 -11.92 -1.80 -29.97
CA GLU A 86 -11.38 -2.71 -28.96
C GLU A 86 -10.69 -1.93 -27.86
N TYR A 87 -11.00 -2.27 -26.62
CA TYR A 87 -10.45 -1.63 -25.43
C TYR A 87 -9.69 -2.66 -24.62
N CYS A 88 -8.75 -2.20 -23.79
CA CYS A 88 -8.01 -3.06 -22.88
C CYS A 88 -8.27 -2.61 -21.44
N ILE A 89 -8.63 -3.56 -20.58
CA ILE A 89 -8.66 -3.29 -19.14
C ILE A 89 -7.23 -2.95 -18.73
N LYS A 90 -7.05 -1.85 -18.01
CA LYS A 90 -5.69 -1.35 -17.79
C LYS A 90 -4.91 -2.32 -16.91
N PRO A 91 -3.72 -2.78 -17.35
CA PRO A 91 -2.81 -3.51 -16.46
C PRO A 91 -1.75 -2.64 -15.80
N MET A 92 -1.69 -1.36 -16.18
CA MET A 92 -0.78 -0.40 -15.58
C MET A 92 -1.41 0.97 -15.65
N ASN A 93 -1.02 1.83 -14.71
CA ASN A 93 -1.57 3.17 -14.64
C ASN A 93 -0.77 4.19 -15.42
N CYS A 94 0.40 3.79 -15.97
CA CYS A 94 1.33 4.75 -16.57
C CYS A 94 0.74 5.52 -17.75
N PRO A 95 0.18 4.89 -18.80
CA PRO A 95 -0.37 5.69 -19.91
C PRO A 95 -1.43 6.68 -19.47
N GLY A 96 -2.27 6.32 -18.49
CA GLY A 96 -3.29 7.24 -18.04
C GLY A 96 -2.70 8.50 -17.43
N HIS A 97 -1.66 8.35 -16.62
CA HIS A 97 -1.02 9.51 -16.03
C HIS A 97 -0.42 10.41 -17.10
N VAL A 98 0.23 9.82 -18.13
CA VAL A 98 0.70 10.63 -19.24
C VAL A 98 -0.44 11.38 -19.89
N GLN A 99 -1.62 10.75 -19.99
CA GLN A 99 -2.79 11.44 -20.56
C GLN A 99 -3.15 12.68 -19.76
N ILE A 100 -3.12 12.59 -18.42
CA ILE A 100 -3.43 13.75 -17.60
C ILE A 100 -2.34 14.81 -17.73
N PHE A 101 -1.09 14.38 -17.82
CA PHE A 101 0.02 15.32 -18.01
C PHE A 101 -0.12 16.08 -19.32
N ASN A 102 -0.62 15.41 -20.36
CA ASN A 102 -0.70 16.01 -21.69
C ASN A 102 -1.79 17.05 -21.80
N GLN A 103 -2.80 17.03 -20.94
CA GLN A 103 -3.72 18.16 -20.88
C GLN A 103 -2.95 19.40 -20.47
N GLY A 104 -3.04 20.45 -21.29
CA GLY A 104 -2.45 21.72 -20.90
C GLY A 104 -0.95 21.84 -21.10
N LEU A 105 -0.50 23.05 -21.40
CA LEU A 105 0.92 23.25 -21.69
C LEU A 105 1.72 23.21 -20.40
N LYS A 106 2.75 22.38 -20.42
CA LYS A 106 3.64 22.21 -19.29
C LYS A 106 4.93 22.97 -19.58
N SER A 107 5.46 23.61 -18.57
CA SER A 107 6.78 24.21 -18.66
C SER A 107 7.65 23.66 -17.55
N TYR A 108 8.95 24.00 -17.62
CA TYR A 108 9.90 23.53 -16.64
C TYR A 108 9.44 23.83 -15.21
N ARG A 109 8.71 24.92 -15.01
CA ARG A 109 8.31 25.34 -13.67
C ARG A 109 7.32 24.38 -13.02
N ASP A 110 6.63 23.55 -13.80
CA ASP A 110 5.75 22.54 -13.21
C ASP A 110 6.48 21.27 -12.76
N LEU A 111 7.80 21.09 -13.14
CA LEU A 111 8.49 19.84 -12.81
C LEU A 111 9.41 20.05 -11.61
N PRO A 112 9.57 19.04 -10.76
CA PRO A 112 9.02 17.69 -10.82
C PRO A 112 7.56 17.72 -10.49
N LEU A 113 6.83 16.92 -11.26
CA LEU A 113 5.40 16.72 -11.12
C LEU A 113 5.20 15.29 -10.66
N ARG A 114 4.78 15.10 -9.41
CA ARG A 114 4.60 13.77 -8.85
C ARG A 114 3.12 13.42 -8.82
N MET A 115 2.75 12.33 -9.48
CA MET A 115 1.37 11.94 -9.73
C MET A 115 1.15 10.54 -9.19
N ALA A 116 0.39 10.43 -8.11
CA ALA A 116 0.12 9.14 -7.46
C ALA A 116 -1.31 8.67 -7.70
N GLU A 117 -1.50 7.35 -7.69
CA GLU A 117 -2.83 6.77 -7.86
C GLU A 117 -2.91 5.41 -7.17
N PHE A 118 -3.95 5.23 -6.36
CA PHE A 118 -4.34 3.86 -5.99
C PHE A 118 -5.12 3.32 -7.15
N GLY A 119 -4.40 2.76 -8.13
CA GLY A 119 -4.98 2.35 -9.38
C GLY A 119 -5.27 0.86 -9.37
N SER A 120 -6.49 0.51 -9.74
CA SER A 120 -6.81 -0.90 -9.87
C SER A 120 -6.34 -1.36 -11.24
N CYS A 121 -5.51 -2.39 -11.26
CA CYS A 121 -5.08 -2.98 -12.52
C CYS A 121 -5.40 -4.48 -12.55
N HIS A 122 -5.61 -4.99 -13.76
CA HIS A 122 -5.97 -6.38 -14.00
C HIS A 122 -5.01 -6.96 -15.04
N ARG A 123 -4.41 -8.12 -14.72
CA ARG A 123 -3.61 -8.92 -15.64
C ARG A 123 -4.21 -10.31 -15.77
N ASN A 124 -4.06 -10.91 -16.95
CA ASN A 124 -4.62 -12.24 -17.23
C ASN A 124 -3.61 -13.35 -16.89
N GLU A 125 -3.34 -13.48 -15.60
CA GLU A 125 -2.38 -14.46 -15.10
C GLU A 125 -2.94 -15.88 -15.28
N PRO A 126 -2.09 -16.86 -15.59
CA PRO A 126 -2.59 -18.25 -15.70
C PRO A 126 -3.20 -18.68 -14.38
N SER A 127 -4.33 -19.38 -14.46
CA SER A 127 -5.08 -19.68 -13.25
C SER A 127 -4.28 -20.58 -12.32
N GLY A 128 -3.34 -21.35 -12.86
CA GLY A 128 -2.53 -22.22 -12.01
C GLY A 128 -1.51 -21.49 -11.18
N SER A 129 -1.09 -20.29 -11.59
CA SER A 129 -0.14 -19.54 -10.79
C SER A 129 -0.80 -18.76 -9.66
N LEU A 130 -2.13 -18.66 -9.64
CA LEU A 130 -2.80 -17.85 -8.63
C LEU A 130 -2.60 -18.45 -7.24
N HIS A 131 -2.33 -17.58 -6.28
CA HIS A 131 -2.15 -18.03 -4.91
C HIS A 131 -2.62 -16.92 -3.98
N GLY A 132 -3.77 -17.16 -3.32
CA GLY A 132 -4.28 -16.28 -2.29
C GLY A 132 -4.22 -14.81 -2.65
N LEU A 133 -3.68 -13.98 -1.76
CA LEU A 133 -3.49 -12.56 -2.00
C LEU A 133 -2.17 -12.26 -2.69
N MET A 134 -1.28 -13.26 -2.83
CA MET A 134 0.07 -13.02 -3.30
C MET A 134 0.14 -12.92 -4.82
N ARG A 135 -0.42 -13.91 -5.53
CA ARG A 135 -0.47 -13.89 -6.99
C ARG A 135 -1.94 -13.83 -7.39
N VAL A 136 -2.35 -12.67 -7.90
CA VAL A 136 -3.74 -12.41 -8.24
C VAL A 136 -3.83 -11.88 -9.66
N ARG A 137 -5.08 -11.75 -10.12
CA ARG A 137 -5.42 -11.12 -11.39
C ARG A 137 -5.81 -9.67 -11.22
N GLY A 138 -6.45 -9.29 -10.11
CA GLY A 138 -6.79 -7.91 -9.88
C GLY A 138 -6.17 -7.39 -8.60
N PHE A 139 -5.45 -6.29 -8.69
CA PHE A 139 -4.74 -5.72 -7.55
C PHE A 139 -4.72 -4.20 -7.67
N THR A 140 -4.46 -3.56 -6.54
CA THR A 140 -4.28 -2.12 -6.45
C THR A 140 -2.87 -1.85 -5.97
N GLN A 141 -2.11 -1.01 -6.65
CA GLN A 141 -0.78 -0.72 -6.15
C GLN A 141 -0.65 0.75 -5.81
N ASP A 142 0.25 1.04 -4.86
CA ASP A 142 0.53 2.41 -4.44
C ASP A 142 1.37 3.12 -5.50
N ASP A 143 0.77 3.21 -6.68
CA ASP A 143 1.50 3.65 -7.86
C ASP A 143 1.77 5.15 -7.80
N ALA A 144 2.86 5.54 -8.47
CA ALA A 144 3.13 6.95 -8.71
C ALA A 144 4.05 7.08 -9.91
N HIS A 145 3.98 8.23 -10.56
CA HIS A 145 4.92 8.55 -11.64
C HIS A 145 5.40 9.97 -11.47
N ILE A 146 6.72 10.15 -11.57
CA ILE A 146 7.36 11.45 -11.40
C ILE A 146 7.88 11.91 -12.76
N PHE A 147 7.40 13.06 -13.23
CA PHE A 147 7.88 13.72 -14.44
C PHE A 147 8.90 14.80 -14.07
N CYS A 148 10.11 14.69 -14.60
CA CYS A 148 11.20 15.56 -14.16
C CYS A 148 12.23 15.73 -15.27
N THR A 149 13.06 16.76 -15.12
CA THR A 149 14.19 16.98 -16.03
C THR A 149 15.30 15.99 -15.74
N GLU A 150 16.25 15.89 -16.68
CA GLU A 150 17.40 15.03 -16.44
C GLU A 150 18.11 15.42 -15.15
N GLU A 151 18.27 16.73 -14.90
CA GLU A 151 19.01 17.18 -13.74
C GLU A 151 18.33 16.84 -12.43
N GLN A 152 17.04 16.52 -12.46
CA GLN A 152 16.28 16.24 -11.25
C GLN A 152 16.32 14.77 -10.83
N ILE A 153 16.98 13.89 -11.59
CA ILE A 153 16.91 12.46 -11.30
C ILE A 153 17.54 12.16 -9.94
N ARG A 154 18.64 12.81 -9.61
CA ARG A 154 19.26 12.51 -8.32
C ARG A 154 18.35 12.90 -7.17
N ASP A 155 17.78 14.10 -7.23
CA ASP A 155 16.96 14.55 -6.11
C ASP A 155 15.68 13.73 -6.00
N GLU A 156 15.12 13.30 -7.14
CA GLU A 156 13.89 12.51 -7.13
C GLU A 156 14.15 11.11 -6.60
N VAL A 157 15.21 10.47 -7.09
CA VAL A 157 15.53 9.12 -6.68
C VAL A 157 15.79 9.09 -5.18
N ASN A 158 16.58 10.06 -4.67
CA ASN A 158 16.70 10.34 -3.25
C ASN A 158 15.36 10.22 -2.54
N GLY A 159 14.37 11.01 -3.00
CA GLY A 159 13.06 11.02 -2.36
C GLY A 159 12.39 9.65 -2.36
N CYS A 160 12.51 8.90 -3.47
CA CYS A 160 12.01 7.53 -3.49
C CYS A 160 12.73 6.68 -2.45
N ILE A 161 14.05 6.84 -2.31
CA ILE A 161 14.78 5.99 -1.38
C ILE A 161 14.34 6.26 0.05
N ARG A 162 14.35 7.52 0.50
CA ARG A 162 13.86 7.81 1.84
C ARG A 162 12.45 7.29 2.03
N LEU A 163 11.60 7.47 1.02
CA LEU A 163 10.23 6.95 1.09
C LEU A 163 10.20 5.45 1.36
N VAL A 164 11.05 4.69 0.69
CA VAL A 164 11.03 3.24 0.89
C VAL A 164 11.35 2.89 2.33
N TYR A 165 12.44 3.44 2.85
CA TYR A 165 12.87 3.08 4.20
C TYR A 165 11.92 3.65 5.26
N ASP A 166 11.39 4.86 5.04
CA ASP A 166 10.47 5.44 6.02
C ASP A 166 9.20 4.62 6.16
N MET A 167 8.68 4.12 5.04
CA MET A 167 7.43 3.39 5.05
C MET A 167 7.62 1.99 5.59
N TYR A 168 8.61 1.28 5.08
CA TYR A 168 8.85 -0.09 5.55
C TYR A 168 9.08 -0.12 7.06
N SER A 169 9.76 0.90 7.60
CA SER A 169 10.04 0.86 9.03
C SER A 169 8.76 0.98 9.84
N THR A 170 7.77 1.71 9.33
CA THR A 170 6.52 1.84 10.05
C THR A 170 5.97 0.47 10.43
N PHE A 171 6.16 -0.54 9.56
CA PHE A 171 5.65 -1.89 9.78
C PHE A 171 6.62 -2.78 10.54
N GLY A 172 7.81 -2.27 10.88
CA GLY A 172 8.80 -3.09 11.53
C GLY A 172 9.72 -3.83 10.58
N PHE A 173 9.84 -3.37 9.33
CA PHE A 173 10.79 -3.94 8.39
C PHE A 173 11.99 -3.02 8.28
N GLU A 174 13.09 -3.42 8.89
CA GLU A 174 14.30 -2.62 8.81
C GLU A 174 15.41 -3.32 8.04
N LYS A 175 15.30 -4.62 7.76
CA LYS A 175 16.28 -5.31 6.92
C LYS A 175 15.80 -5.18 5.48
N ILE A 176 16.63 -4.54 4.63
CA ILE A 176 16.25 -4.16 3.27
C ILE A 176 17.44 -4.33 2.32
N VAL A 177 17.27 -5.13 1.26
CA VAL A 177 18.27 -5.34 0.23
C VAL A 177 17.88 -4.56 -1.02
N VAL A 178 18.84 -3.85 -1.61
CA VAL A 178 18.60 -3.04 -2.80
C VAL A 178 19.40 -3.64 -3.95
N LYS A 179 18.73 -3.87 -5.09
CA LYS A 179 19.37 -4.42 -6.27
C LYS A 179 19.27 -3.46 -7.44
N LEU A 180 20.41 -3.01 -7.95
CA LEU A 180 20.44 -2.27 -9.20
C LEU A 180 20.30 -3.23 -10.36
N SER A 181 20.15 -2.70 -11.57
CA SER A 181 19.97 -3.56 -12.74
C SER A 181 21.06 -3.31 -13.78
N THR A 182 21.50 -4.38 -14.42
CA THR A 182 22.53 -4.33 -15.47
C THR A 182 21.88 -4.01 -16.82
N ARG A 183 22.44 -3.02 -17.53
CA ARG A 183 21.71 -2.47 -18.67
C ARG A 183 21.67 -3.46 -19.84
N PRO A 184 20.52 -3.60 -20.51
CA PRO A 184 20.43 -4.53 -21.64
C PRO A 184 21.22 -4.03 -22.83
N GLU A 185 21.40 -4.93 -23.81
CA GLU A 185 22.03 -4.53 -25.08
C GLU A 185 21.06 -3.80 -25.99
N LYS A 186 19.78 -4.23 -26.02
CA LYS A 186 18.73 -3.46 -26.66
C LYS A 186 18.08 -2.58 -25.59
N ARG A 187 18.17 -1.26 -25.79
CA ARG A 187 17.61 -0.28 -24.89
C ARG A 187 17.18 0.93 -25.70
N ILE A 188 16.38 1.80 -25.06
CA ILE A 188 15.86 3.01 -25.68
C ILE A 188 16.50 4.22 -25.00
N GLY A 189 16.90 5.18 -25.81
CA GLY A 189 17.53 6.39 -25.33
C GLY A 189 19.02 6.41 -25.64
N SER A 190 19.57 7.63 -25.78
CA SER A 190 20.97 7.85 -26.13
C SER A 190 21.89 7.09 -25.17
N ASP A 191 23.07 6.74 -25.66
CA ASP A 191 24.11 6.30 -24.76
C ASP A 191 24.43 7.37 -23.71
N GLU A 192 24.50 8.62 -24.17
CA GLU A 192 24.75 9.74 -23.27
C GLU A 192 23.66 9.85 -22.20
N MET A 193 22.40 9.68 -22.60
CA MET A 193 21.30 9.80 -21.64
C MET A 193 21.39 8.75 -20.54
N TRP A 194 21.77 7.52 -20.89
CA TRP A 194 21.84 6.44 -19.91
C TRP A 194 22.98 6.60 -18.93
N ASP A 195 24.10 7.23 -19.33
CA ASP A 195 25.22 7.37 -18.39
C ASP A 195 25.08 8.53 -17.43
N ARG A 196 24.44 9.64 -17.81
CA ARG A 196 24.16 10.68 -16.82
C ARG A 196 23.17 10.17 -15.78
N ALA A 197 22.15 9.42 -16.22
CA ALA A 197 21.16 8.90 -15.28
C ALA A 197 21.80 7.92 -14.31
N GLU A 198 22.75 7.13 -14.81
CA GLU A 198 23.43 6.17 -13.96
C GLU A 198 24.29 6.83 -12.90
N ALA A 199 24.90 7.99 -13.25
CA ALA A 199 25.62 8.80 -12.25
C ALA A 199 24.67 9.34 -11.20
N ASP A 200 23.50 9.82 -11.63
CA ASP A 200 22.47 10.26 -10.69
C ASP A 200 22.07 9.11 -9.76
N LEU A 201 21.87 7.90 -10.31
CA LEU A 201 21.53 6.78 -9.44
C LEU A 201 22.67 6.44 -8.51
N ALA A 202 23.90 6.42 -9.04
CA ALA A 202 25.05 6.07 -8.21
C ALA A 202 25.23 7.06 -7.06
N VAL A 203 25.12 8.36 -7.36
CA VAL A 203 25.30 9.39 -6.34
C VAL A 203 24.19 9.33 -5.30
N ALA A 204 22.95 9.07 -5.73
CA ALA A 204 21.85 8.97 -4.78
C ALA A 204 22.03 7.79 -3.83
N LEU A 205 22.47 6.63 -4.35
CA LEU A 205 22.64 5.46 -3.48
C LEU A 205 23.79 5.67 -2.49
N GLU A 206 24.89 6.27 -2.95
CA GLU A 206 25.98 6.60 -2.04
C GLU A 206 25.49 7.51 -0.92
N GLU A 207 24.70 8.53 -1.29
CA GLU A 207 24.24 9.52 -0.33
C GLU A 207 23.46 8.88 0.81
N ASN A 208 22.63 7.90 0.49
CA ASN A 208 21.87 7.21 1.52
C ASN A 208 22.64 6.05 2.14
N ASN A 209 23.94 5.93 1.86
CA ASN A 209 24.79 4.84 2.40
C ASN A 209 24.22 3.46 2.08
N ILE A 210 23.74 3.25 0.86
CA ILE A 210 23.04 2.03 0.50
C ILE A 210 24.02 1.08 -0.18
N PRO A 211 24.29 -0.08 0.39
CA PRO A 211 25.00 -1.13 -0.36
C PRO A 211 24.04 -1.76 -1.36
N PHE A 212 24.42 -1.73 -2.63
CA PHE A 212 23.60 -2.30 -3.68
C PHE A 212 24.33 -3.45 -4.36
N GLU A 213 23.56 -4.49 -4.68
CA GLU A 213 23.98 -5.56 -5.56
C GLU A 213 23.47 -5.28 -6.97
N TYR A 214 23.99 -6.01 -7.95
CA TYR A 214 23.39 -5.96 -9.28
C TYR A 214 22.57 -7.23 -9.54
N GLN A 215 21.50 -7.06 -10.30
CA GLN A 215 20.58 -8.17 -10.57
C GLN A 215 21.13 -8.96 -11.73
N LEU A 216 21.15 -10.29 -11.56
CA LEU A 216 21.93 -11.12 -12.47
C LEU A 216 21.27 -11.23 -13.84
N GLY A 217 19.96 -11.06 -13.90
CA GLY A 217 19.26 -11.08 -15.16
C GLY A 217 19.33 -9.77 -15.93
N GLU A 218 18.74 -9.81 -17.13
CA GLU A 218 18.68 -8.62 -17.95
C GLU A 218 17.78 -7.57 -17.32
N GLY A 219 18.19 -6.32 -17.44
CA GLY A 219 17.42 -5.20 -16.94
C GLY A 219 16.32 -4.80 -17.89
N ALA A 220 15.80 -3.60 -17.67
CA ALA A 220 14.72 -3.05 -18.49
C ALA A 220 15.31 -2.28 -19.67
N PHE A 221 14.59 -2.29 -20.79
CA PHE A 221 15.10 -1.63 -22.01
C PHE A 221 14.85 -0.12 -21.99
N LYS A 222 14.03 0.33 -21.07
CA LYS A 222 13.60 1.71 -21.07
C LYS A 222 14.37 2.60 -20.10
N GLY A 223 15.13 2.00 -19.19
CA GLY A 223 15.91 2.77 -18.25
C GLY A 223 16.47 2.00 -17.08
N PRO A 224 17.33 2.65 -16.30
CA PRO A 224 17.84 2.03 -15.08
C PRO A 224 16.70 1.72 -14.12
N LYS A 225 16.89 0.68 -13.32
CA LYS A 225 15.81 0.16 -12.50
C LYS A 225 16.40 -0.28 -11.17
N ILE A 226 15.65 -0.01 -10.10
CA ILE A 226 16.04 -0.32 -8.72
C ILE A 226 14.92 -1.13 -8.08
N GLU A 227 15.26 -2.17 -7.34
CA GLU A 227 14.27 -2.95 -6.62
C GLU A 227 14.64 -3.05 -5.14
N PHE A 228 13.65 -2.96 -4.29
CA PHE A 228 13.87 -3.04 -2.85
C PHE A 228 13.22 -4.30 -2.29
N THR A 229 13.96 -5.05 -1.50
CA THR A 229 13.46 -6.26 -0.88
C THR A 229 13.46 -6.11 0.62
N LEU A 230 12.33 -6.37 1.26
CA LEU A 230 12.26 -6.38 2.71
C LEU A 230 12.32 -7.82 3.24
N TYR A 231 12.75 -7.94 4.48
CA TYR A 231 12.80 -9.22 5.16
C TYR A 231 11.91 -9.10 6.38
N ASP A 232 11.12 -10.14 6.63
CA ASP A 232 10.13 -10.16 7.71
C ASP A 232 10.72 -10.88 8.92
N CYS A 233 9.92 -11.03 9.98
CA CYS A 233 10.45 -11.62 11.22
C CYS A 233 10.89 -13.06 11.05
N LEU A 234 10.46 -13.73 9.99
CA LEU A 234 10.94 -15.07 9.65
C LEU A 234 12.16 -15.05 8.75
N ASP A 235 12.73 -13.87 8.50
CA ASP A 235 13.87 -13.74 7.58
C ASP A 235 13.51 -14.22 6.17
N ARG A 236 12.26 -14.02 5.73
CA ARG A 236 11.85 -14.29 4.35
C ARG A 236 11.96 -13.02 3.52
N ALA A 237 12.44 -13.17 2.29
CA ALA A 237 12.63 -12.03 1.39
C ALA A 237 11.37 -11.80 0.59
N TRP A 238 10.91 -10.54 0.58
CA TRP A 238 9.76 -10.09 -0.19
C TRP A 238 10.19 -8.92 -1.05
N GLN A 239 9.98 -8.98 -2.36
CA GLN A 239 10.31 -7.84 -3.21
C GLN A 239 9.07 -6.98 -3.40
N CYS A 240 9.14 -5.72 -2.97
CA CYS A 240 7.97 -4.83 -3.07
C CYS A 240 8.24 -3.53 -3.82
N GLY A 241 9.33 -2.86 -3.49
CA GLY A 241 9.58 -1.54 -4.04
C GLY A 241 10.26 -1.63 -5.39
N THR A 242 9.79 -0.80 -6.32
CA THR A 242 10.44 -0.66 -7.61
C THR A 242 10.53 0.81 -7.97
N VAL A 243 11.68 1.21 -8.48
CA VAL A 243 11.89 2.54 -9.05
C VAL A 243 12.40 2.30 -10.46
N GLN A 244 11.62 2.69 -11.45
CA GLN A 244 11.97 2.35 -12.83
C GLN A 244 12.06 3.65 -13.62
N LEU A 245 13.28 4.03 -13.97
CA LEU A 245 13.49 5.14 -14.88
C LEU A 245 12.97 4.78 -16.26
N ASP A 246 12.42 5.77 -16.98
CA ASP A 246 11.77 5.56 -18.27
C ASP A 246 12.12 6.68 -19.25
N PHE A 247 12.84 6.33 -20.32
CA PHE A 247 13.11 7.22 -21.45
C PHE A 247 12.30 6.86 -22.68
N SER A 248 11.36 5.90 -22.60
CA SER A 248 10.65 5.42 -23.78
C SER A 248 9.18 5.81 -23.80
N LEU A 249 8.47 5.65 -22.70
CA LEU A 249 7.05 5.97 -22.74
C LEU A 249 6.78 7.44 -23.04
N PRO A 250 7.41 8.42 -22.37
CA PRO A 250 7.05 9.83 -22.64
C PRO A 250 7.25 10.27 -24.07
N SER A 251 8.33 9.82 -24.74
CA SER A 251 8.50 10.13 -26.16
C SER A 251 7.45 9.42 -27.00
N ARG A 252 7.07 8.20 -26.62
CA ARG A 252 6.09 7.47 -27.41
C ARG A 252 4.68 8.05 -27.29
N LEU A 253 4.35 8.67 -26.16
CA LEU A 253 3.03 9.26 -25.95
C LEU A 253 3.05 10.78 -26.07
N SER A 254 4.10 11.34 -26.65
CA SER A 254 4.11 12.75 -27.05
C SER A 254 3.89 13.66 -25.86
N ALA A 255 4.68 13.44 -24.81
CA ALA A 255 4.77 14.34 -23.68
C ALA A 255 5.94 15.30 -23.90
N SER A 256 5.77 16.53 -23.46
CA SER A 256 6.77 17.56 -23.70
C SER A 256 6.55 18.68 -22.69
N TYR A 257 7.55 19.54 -22.56
CA TYR A 257 7.46 20.71 -21.69
C TYR A 257 8.40 21.77 -22.26
N VAL A 258 8.15 23.02 -21.89
CA VAL A 258 9.02 24.12 -22.33
C VAL A 258 10.12 24.31 -21.30
N GLY A 259 11.37 24.22 -21.73
CA GLY A 259 12.49 24.48 -20.84
C GLY A 259 12.80 25.97 -20.71
N GLU A 260 13.78 26.26 -19.86
CA GLU A 260 14.20 27.65 -19.67
C GLU A 260 14.72 28.24 -20.96
N ASP A 261 15.36 27.41 -21.79
CA ASP A 261 15.81 27.79 -23.12
C ASP A 261 14.66 27.88 -24.13
N ASN A 262 13.42 27.72 -23.68
CA ASN A 262 12.27 27.80 -24.56
C ASN A 262 12.33 26.74 -25.66
N GLU A 263 12.63 25.51 -25.27
CA GLU A 263 12.67 24.37 -26.20
C GLU A 263 11.81 23.22 -25.69
N ARG A 264 11.02 22.61 -26.59
CA ARG A 264 10.16 21.49 -26.19
C ARG A 264 10.99 20.25 -25.94
N LYS A 265 11.38 20.03 -24.68
CA LYS A 265 12.00 18.77 -24.30
C LYS A 265 10.97 17.74 -23.85
N VAL A 266 11.38 16.49 -23.89
CA VAL A 266 10.63 15.36 -23.33
C VAL A 266 11.00 15.24 -21.85
N PRO A 267 10.05 15.09 -20.95
CA PRO A 267 10.41 14.85 -19.56
C PRO A 267 10.83 13.41 -19.35
N VAL A 268 11.63 13.21 -18.31
CA VAL A 268 11.95 11.88 -17.80
C VAL A 268 10.76 11.39 -16.97
N MET A 269 10.47 10.10 -17.06
CA MET A 269 9.45 9.48 -16.23
C MET A 269 10.14 8.56 -15.24
N ILE A 270 9.74 8.64 -13.98
CA ILE A 270 10.20 7.72 -12.94
C ILE A 270 8.96 7.00 -12.44
N HIS A 271 8.87 5.70 -12.66
CA HIS A 271 7.80 4.90 -12.07
C HIS A 271 8.25 4.40 -10.71
N ARG A 272 7.37 4.49 -9.71
CA ARG A 272 7.74 3.99 -8.40
C ARG A 272 6.51 3.48 -7.66
N ALA A 273 6.63 2.30 -7.08
CA ALA A 273 5.73 1.80 -6.05
C ALA A 273 6.59 1.44 -4.85
N ILE A 274 6.03 1.54 -3.66
CA ILE A 274 6.77 1.29 -2.43
C ILE A 274 6.31 0.00 -1.77
N LEU A 275 5.00 -0.20 -1.65
CA LEU A 275 4.46 -1.45 -1.17
C LEU A 275 4.24 -2.46 -2.28
N GLY A 276 4.10 -1.99 -3.52
CA GLY A 276 3.78 -2.91 -4.61
C GLY A 276 2.28 -3.14 -4.65
N SER A 277 1.85 -4.37 -4.91
CA SER A 277 0.43 -4.67 -4.77
C SER A 277 0.02 -4.61 -3.30
N MET A 278 -1.06 -3.90 -3.01
CA MET A 278 -1.46 -3.77 -1.62
C MET A 278 -2.19 -5.00 -1.11
N GLU A 279 -2.91 -5.70 -2.00
CA GLU A 279 -3.44 -7.01 -1.67
C GLU A 279 -2.32 -7.93 -1.25
N ARG A 280 -1.25 -7.98 -2.04
CA ARG A 280 -0.08 -8.77 -1.67
C ARG A 280 0.51 -8.29 -0.37
N PHE A 281 0.75 -6.99 -0.26
CA PHE A 281 1.32 -6.44 0.96
C PHE A 281 0.48 -6.81 2.18
N ILE A 282 -0.84 -6.72 2.07
CA ILE A 282 -1.68 -7.11 3.20
C ILE A 282 -1.44 -8.56 3.60
N GLY A 283 -1.36 -9.45 2.61
CA GLY A 283 -1.02 -10.83 2.92
C GLY A 283 0.26 -10.91 3.71
N ILE A 284 1.26 -10.14 3.31
CA ILE A 284 2.55 -10.16 3.99
C ILE A 284 2.39 -9.75 5.45
N LEU A 285 1.67 -8.65 5.70
CA LEU A 285 1.47 -8.20 7.08
C LEU A 285 0.74 -9.24 7.91
N THR A 286 -0.24 -9.90 7.29
CA THR A 286 -1.00 -10.92 8.02
C THR A 286 -0.11 -12.03 8.52
N GLU A 287 0.83 -12.48 7.69
CA GLU A 287 1.78 -13.47 8.14
C GLU A 287 2.80 -12.87 9.10
N GLU A 288 3.21 -11.60 8.89
CA GLU A 288 4.23 -11.01 9.75
C GLU A 288 3.76 -10.94 11.20
N PHE A 289 2.53 -10.50 11.41
CA PHE A 289 1.92 -10.40 12.72
C PHE A 289 1.14 -11.65 13.12
N ALA A 290 0.99 -12.62 12.21
CA ALA A 290 0.17 -13.81 12.45
C ALA A 290 -1.22 -13.44 12.98
N GLY A 291 -1.82 -12.40 12.41
CA GLY A 291 -3.14 -11.98 12.81
C GLY A 291 -3.22 -11.03 13.99
N PHE A 292 -2.11 -10.78 14.70
CA PHE A 292 -2.12 -9.79 15.78
C PHE A 292 -1.77 -8.41 15.23
N PHE A 293 -2.68 -7.89 14.41
CA PHE A 293 -2.44 -6.61 13.75
C PHE A 293 -2.21 -5.50 14.78
N PRO A 294 -1.26 -4.61 14.53
CA PRO A 294 -1.09 -3.44 15.40
C PRO A 294 -2.39 -2.65 15.47
N THR A 295 -2.56 -1.92 16.57
CA THR A 295 -3.87 -1.37 16.89
C THR A 295 -4.39 -0.54 15.73
N TRP A 296 -3.51 0.22 15.07
CA TRP A 296 -3.98 1.11 14.02
C TRP A 296 -4.48 0.32 12.80
N LEU A 297 -3.96 -0.88 12.58
CA LEU A 297 -4.43 -1.73 11.50
C LEU A 297 -5.54 -2.69 11.91
N ALA A 298 -5.74 -2.90 13.21
CA ALA A 298 -6.71 -3.91 13.64
C ALA A 298 -8.08 -3.54 13.11
N PRO A 299 -8.82 -4.48 12.51
CA PRO A 299 -10.18 -4.15 12.02
C PRO A 299 -11.10 -3.65 13.14
N VAL A 300 -11.15 -4.35 14.28
CA VAL A 300 -11.86 -3.88 15.47
C VAL A 300 -10.82 -3.64 16.55
N GLN A 301 -10.77 -2.41 17.08
CA GLN A 301 -9.73 -2.04 18.01
C GLN A 301 -10.11 -2.28 19.47
N VAL A 302 -11.38 -2.15 19.83
CA VAL A 302 -11.82 -2.35 21.21
C VAL A 302 -13.17 -3.06 21.19
N VAL A 303 -13.37 -3.98 22.12
CA VAL A 303 -14.69 -4.55 22.40
C VAL A 303 -15.01 -4.28 23.87
N ILE A 304 -16.21 -3.75 24.12
CA ILE A 304 -16.66 -3.45 25.47
C ILE A 304 -17.73 -4.45 25.86
N MET A 305 -17.59 -5.02 27.07
CA MET A 305 -18.46 -6.09 27.55
C MET A 305 -19.05 -5.76 28.92
N ASN A 306 -20.30 -6.14 29.09
CA ASN A 306 -21.00 -6.14 30.36
C ASN A 306 -20.93 -7.54 30.98
N ILE A 307 -21.19 -7.60 32.28
CA ILE A 307 -21.23 -8.87 32.99
C ILE A 307 -22.66 -9.33 33.22
N THR A 308 -23.61 -8.42 33.48
CA THR A 308 -25.03 -8.69 33.33
C THR A 308 -25.70 -7.48 32.69
N ASP A 309 -27.02 -7.58 32.49
CA ASP A 309 -27.79 -6.56 31.79
C ASP A 309 -27.90 -5.27 32.58
N SER A 310 -27.57 -5.29 33.86
CA SER A 310 -27.46 -4.06 34.63
C SER A 310 -26.49 -3.09 33.95
N GLN A 311 -25.27 -3.55 33.64
CA GLN A 311 -24.24 -2.71 33.04
C GLN A 311 -24.45 -2.48 31.54
N SER A 312 -25.53 -3.02 30.99
CA SER A 312 -25.74 -2.97 29.55
C SER A 312 -25.90 -1.53 29.04
N GLU A 313 -26.65 -0.69 29.75
CA GLU A 313 -26.79 0.70 29.32
C GLU A 313 -25.48 1.44 29.37
N TYR A 314 -24.66 1.16 30.39
CA TYR A 314 -23.36 1.80 30.52
C TYR A 314 -22.47 1.48 29.33
N VAL A 315 -22.41 0.19 28.95
CA VAL A 315 -21.53 -0.22 27.86
C VAL A 315 -21.87 0.54 26.59
N ASN A 316 -23.16 0.70 26.31
CA ASN A 316 -23.59 1.38 25.09
C ASN A 316 -23.17 2.83 25.10
N GLU A 317 -23.25 3.48 26.27
CA GLU A 317 -22.66 4.79 26.47
C GLU A 317 -21.19 4.79 26.09
N LEU A 318 -20.41 3.86 26.66
CA LEU A 318 -18.98 3.81 26.41
C LEU A 318 -18.71 3.63 24.92
N THR A 319 -19.35 2.62 24.32
CA THR A 319 -19.14 2.31 22.90
C THR A 319 -19.32 3.54 22.03
N GLN A 320 -20.38 4.31 22.27
CA GLN A 320 -20.54 5.56 21.53
C GLN A 320 -19.44 6.56 21.87
N LYS A 321 -19.09 6.68 23.16
CA LYS A 321 -18.06 7.64 23.56
C LYS A 321 -16.73 7.34 22.89
N LEU A 322 -16.35 6.06 22.84
CA LEU A 322 -15.13 5.68 22.14
C LEU A 322 -15.26 5.93 20.65
N SER A 323 -16.46 5.79 20.10
CA SER A 323 -16.59 5.84 18.65
C SER A 323 -16.50 7.27 18.14
N ASN A 324 -16.98 8.21 18.94
CA ASN A 324 -16.81 9.63 18.65
C ASN A 324 -15.35 10.06 18.75
N ALA A 325 -14.54 9.32 19.51
CA ALA A 325 -13.11 9.58 19.63
C ALA A 325 -12.31 8.97 18.50
N GLY A 326 -13.00 8.40 17.50
CA GLY A 326 -12.34 7.82 16.35
C GLY A 326 -11.78 6.43 16.53
N ILE A 327 -12.35 5.63 17.41
CA ILE A 327 -11.88 4.28 17.68
C ILE A 327 -12.88 3.29 17.11
N ARG A 328 -12.39 2.30 16.38
CA ARG A 328 -13.26 1.23 15.90
C ARG A 328 -13.58 0.35 17.10
N VAL A 329 -14.78 0.51 17.66
CA VAL A 329 -15.17 -0.18 18.89
C VAL A 329 -16.47 -0.90 18.65
N LYS A 330 -16.66 -1.99 19.37
CA LYS A 330 -17.91 -2.76 19.28
C LYS A 330 -18.35 -3.14 20.69
N ALA A 331 -19.64 -3.17 20.94
CA ALA A 331 -20.20 -3.57 22.22
C ALA A 331 -20.64 -5.03 22.15
N ASP A 332 -20.32 -5.79 23.18
CA ASP A 332 -20.64 -7.21 23.20
C ASP A 332 -21.62 -7.44 24.34
N LEU A 333 -22.91 -7.25 24.07
CA LEU A 333 -23.92 -7.39 25.11
C LEU A 333 -24.60 -8.75 25.11
N ARG A 334 -23.98 -9.77 24.50
CA ARG A 334 -24.67 -11.04 24.35
C ARG A 334 -24.82 -11.75 25.69
N ASN A 335 -25.65 -12.78 25.68
CA ASN A 335 -25.95 -13.57 26.87
C ASN A 335 -24.97 -14.74 27.00
N GLU A 336 -23.69 -14.38 27.12
CA GLU A 336 -22.62 -15.32 27.36
C GLU A 336 -21.83 -14.83 28.57
N LYS A 337 -21.11 -15.75 29.23
CA LYS A 337 -20.39 -15.33 30.44
C LYS A 337 -19.07 -14.66 30.09
N ILE A 338 -18.56 -13.88 31.04
CA ILE A 338 -17.54 -12.88 30.70
C ILE A 338 -16.26 -13.54 30.22
N GLY A 339 -15.94 -14.71 30.76
CA GLY A 339 -14.76 -15.43 30.28
C GLY A 339 -14.91 -15.90 28.85
N PHE A 340 -16.13 -16.31 28.48
CA PHE A 340 -16.43 -16.73 27.11
C PHE A 340 -16.24 -15.57 26.13
N LYS A 341 -16.76 -14.39 26.48
CA LYS A 341 -16.57 -13.23 25.62
C LYS A 341 -15.08 -12.89 25.50
N ILE A 342 -14.36 -12.94 26.61
CA ILE A 342 -12.97 -12.53 26.60
C ILE A 342 -12.14 -13.51 25.76
N ARG A 343 -12.38 -14.82 25.92
CA ARG A 343 -11.64 -15.79 25.12
C ARG A 343 -11.97 -15.62 23.65
N GLU A 344 -13.25 -15.41 23.35
CA GLU A 344 -13.69 -15.33 21.95
C GLU A 344 -13.06 -14.12 21.25
N HIS A 345 -13.15 -12.93 21.86
CA HIS A 345 -12.54 -11.75 21.24
C HIS A 345 -11.00 -11.82 21.27
N THR A 346 -10.43 -12.67 22.12
CA THR A 346 -8.99 -12.89 22.08
C THR A 346 -8.61 -13.75 20.88
N LEU A 347 -9.40 -14.79 20.63
CA LEU A 347 -9.14 -15.64 19.48
C LEU A 347 -9.26 -14.85 18.20
N ARG A 348 -10.06 -13.79 18.21
CA ARG A 348 -10.21 -12.91 17.06
C ARG A 348 -9.26 -11.73 17.09
N ARG A 349 -8.23 -11.78 17.94
CA ARG A 349 -7.10 -10.85 17.92
C ARG A 349 -7.56 -9.38 18.04
N VAL A 350 -8.63 -9.11 18.79
CA VAL A 350 -9.04 -7.73 19.07
C VAL A 350 -8.08 -7.16 20.12
N PRO A 351 -7.35 -6.04 19.82
CA PRO A 351 -6.31 -5.55 20.74
C PRO A 351 -6.72 -5.37 22.20
N TYR A 352 -7.75 -4.56 22.47
CA TYR A 352 -8.13 -4.23 23.83
C TYR A 352 -9.55 -4.68 24.11
N MET A 353 -9.81 -5.02 25.37
CA MET A 353 -11.12 -5.51 25.77
C MET A 353 -11.49 -4.90 27.10
N LEU A 354 -12.60 -4.18 27.12
CA LEU A 354 -13.07 -3.43 28.28
C LEU A 354 -14.23 -4.17 28.93
N VAL A 355 -14.08 -4.51 30.21
CA VAL A 355 -15.11 -5.22 30.96
C VAL A 355 -15.81 -4.24 31.89
N CYS A 356 -17.13 -4.28 31.91
CA CYS A 356 -17.94 -3.38 32.73
C CYS A 356 -18.77 -4.19 33.72
N GLY A 357 -18.23 -4.36 34.92
CA GLY A 357 -18.98 -4.89 36.03
C GLY A 357 -19.68 -3.79 36.78
N ASP A 358 -20.33 -4.19 37.87
CA ASP A 358 -21.14 -3.24 38.63
C ASP A 358 -20.29 -2.14 39.24
N LYS A 359 -19.08 -2.46 39.71
CA LYS A 359 -18.22 -1.43 40.29
C LYS A 359 -17.76 -0.47 39.22
N GLU A 360 -17.59 -0.96 38.00
CA GLU A 360 -17.14 -0.11 36.90
C GLU A 360 -18.16 0.98 36.60
N VAL A 361 -19.45 0.62 36.54
CA VAL A 361 -20.46 1.63 36.27
C VAL A 361 -20.48 2.66 37.41
N GLU A 362 -20.45 2.20 38.65
CA GLU A 362 -20.51 3.15 39.76
C GLU A 362 -19.31 4.07 39.79
N SER A 363 -18.29 3.81 38.98
CA SER A 363 -17.03 4.50 39.16
C SER A 363 -16.64 5.36 37.98
N GLY A 364 -17.28 5.21 36.83
CA GLY A 364 -16.82 5.88 35.63
C GLY A 364 -15.49 5.40 35.11
N LYS A 365 -15.19 4.10 35.26
CA LYS A 365 -13.99 3.49 34.72
C LYS A 365 -14.33 2.14 34.10
N VAL A 366 -13.33 1.51 33.50
CA VAL A 366 -13.48 0.21 32.86
C VAL A 366 -12.28 -0.64 33.23
N ALA A 367 -12.52 -1.95 33.32
CA ALA A 367 -11.47 -2.95 33.48
C ALA A 367 -10.95 -3.31 32.10
N VAL A 368 -9.62 -3.27 31.93
CA VAL A 368 -8.98 -3.43 30.63
C VAL A 368 -8.13 -4.70 30.64
N ARG A 369 -8.42 -5.58 29.67
CA ARG A 369 -7.60 -6.77 29.43
C ARG A 369 -7.10 -6.65 27.97
N THR A 370 -5.90 -7.11 27.67
CA THR A 370 -5.35 -7.07 26.33
C THR A 370 -5.44 -8.45 25.69
N ARG A 371 -5.27 -8.47 24.36
CA ARG A 371 -5.33 -9.73 23.64
C ARG A 371 -4.14 -10.64 23.93
N ARG A 372 -3.12 -10.15 24.60
CA ARG A 372 -2.05 -11.01 25.07
C ARG A 372 -2.34 -11.56 26.46
N GLY A 373 -3.52 -11.28 27.02
CA GLY A 373 -3.87 -11.73 28.34
C GLY A 373 -3.40 -10.84 29.48
N LYS A 374 -2.79 -9.68 29.15
CA LYS A 374 -2.34 -8.75 30.17
C LYS A 374 -3.51 -7.99 30.79
N ASP A 375 -3.50 -7.90 32.12
CA ASP A 375 -4.54 -7.24 32.91
C ASP A 375 -4.03 -5.85 33.31
N LEU A 376 -4.53 -4.82 32.65
CA LEU A 376 -4.08 -3.45 32.91
C LEU A 376 -4.88 -2.77 34.02
N GLY A 377 -5.82 -3.49 34.64
CA GLY A 377 -6.58 -2.95 35.75
C GLY A 377 -7.66 -1.98 35.31
N SER A 378 -8.40 -1.47 36.29
CA SER A 378 -9.43 -0.49 35.99
C SER A 378 -8.80 0.89 35.81
N MET A 379 -9.16 1.56 34.72
CA MET A 379 -8.60 2.86 34.38
C MET A 379 -9.74 3.82 34.07
N ASP A 380 -9.47 5.11 34.30
CA ASP A 380 -10.40 6.14 33.87
C ASP A 380 -10.73 6.02 32.38
N VAL A 381 -11.97 6.38 32.01
CA VAL A 381 -12.42 6.26 30.63
C VAL A 381 -11.66 7.22 29.72
N ASN A 382 -11.58 8.49 30.12
CA ASN A 382 -10.80 9.45 29.36
C ASN A 382 -9.35 9.01 29.24
N GLU A 383 -8.81 8.36 30.27
CA GLU A 383 -7.44 7.87 30.23
C GLU A 383 -7.27 6.81 29.15
N VAL A 384 -8.21 5.87 29.06
CA VAL A 384 -8.11 4.81 28.07
C VAL A 384 -8.19 5.40 26.67
N ILE A 385 -9.01 6.44 26.51
CA ILE A 385 -9.22 7.09 25.21
C ILE A 385 -7.95 7.75 24.73
N GLU A 386 -7.31 8.57 25.59
CA GLU A 386 -6.11 9.28 25.17
C GLU A 386 -4.98 8.30 24.86
N LYS A 387 -4.82 7.28 25.70
CA LYS A 387 -3.78 6.29 25.45
C LYS A 387 -4.04 5.59 24.12
N LEU A 388 -5.28 5.21 23.87
CA LEU A 388 -5.59 4.54 22.62
C LEU A 388 -5.35 5.44 21.42
N GLN A 389 -5.70 6.72 21.53
CA GLN A 389 -5.48 7.65 20.44
C GLN A 389 -3.99 7.82 20.14
N GLN A 390 -3.17 7.90 21.18
CA GLN A 390 -1.74 8.04 20.96
C GLN A 390 -1.18 6.82 20.22
N GLU A 391 -1.61 5.62 20.61
CA GLU A 391 -1.13 4.42 19.95
C GLU A 391 -1.57 4.37 18.48
N ILE A 392 -2.79 4.84 18.20
CA ILE A 392 -3.30 4.83 16.83
C ILE A 392 -2.52 5.81 15.95
N ARG A 393 -2.48 7.09 16.37
CA ARG A 393 -1.88 8.10 15.50
C ARG A 393 -0.39 7.87 15.31
N SER A 394 0.31 7.40 16.35
CA SER A 394 1.73 7.10 16.23
C SER A 394 1.97 5.82 15.45
N ARG A 395 0.91 5.04 15.21
CA ARG A 395 0.98 3.73 14.58
C ARG A 395 2.02 2.87 15.29
N SER A 396 1.88 2.78 16.62
CA SER A 396 2.78 1.96 17.43
C SER A 396 2.64 0.50 17.06
N LEU A 397 3.77 -0.17 16.88
CA LEU A 397 3.72 -1.60 16.59
C LEU A 397 3.35 -2.43 17.81
N LYS A 398 3.42 -1.85 19.00
CA LYS A 398 3.18 -2.57 20.24
C LYS A 398 2.18 -1.81 21.11
N GLN A 399 1.66 -2.52 22.12
CA GLN A 399 0.54 -2.07 22.94
C GLN A 399 1.05 -1.53 24.28
N LEU A 400 0.09 -1.20 25.16
CA LEU A 400 0.40 -0.63 26.47
C LEU A 400 0.97 -1.69 27.41
N1 X5V B . 7.36 -0.67 -15.13
C1 X5V B . 5.49 0.88 -10.41
O1 X5V B . 4.09 2.17 -12.02
C2 X5V B . 6.48 -0.06 -10.21
C3 X5V B . 7.16 -0.73 -11.32
C4 X5V B . 6.78 -0.45 -12.63
C5 X5V B . 7.53 -1.16 -13.80
C6 X5V B . 5.13 1.18 -11.75
C7 X5V B . 7.68 -0.30 -17.42
C8 X5V B . 7.37 -2.59 -16.69
C9 X5V B . 5.89 -2.37 -16.57
C10 X5V B . 5.03 -3.63 -16.88
C11 X5V B . 5.48 -4.86 -16.50
C12 X5V B . 4.68 -6.00 -16.79
C13 X5V B . 3.43 -5.86 -17.44
C14 X5V B . 3.01 -4.60 -17.80
C15 X5V B . 3.81 -3.49 -17.53
C16 X5V B . 5.77 0.53 -12.84
O2 X5V B . 6.63 0.18 -17.42
C61 X5V B . 8.05 -1.24 -16.30
N11 X5V B . 2.59 -7.06 -17.72
O3 X5V B . 1.26 -6.87 -18.21
O4 X5V B . 3.10 -8.39 -17.49
O5 X5V B . 7.72 -2.90 -18.03
O6 X5V B . 8.30 -2.09 -13.58
O7 X5V B . 5.36 0.89 -14.10
ZN ZN C . 4.43 2.78 -14.10
#